data_4XT5
#
_entry.id   4XT5
#
_cell.length_a   69.697
_cell.length_b   95.260
_cell.length_c   73.854
_cell.angle_alpha   90.000
_cell.angle_beta   90.000
_cell.angle_gamma   90.000
#
_symmetry.space_group_name_H-M   'C 2 2 21'
#
loop_
_entity.id
_entity.type
_entity.pdbx_description
1 polymer Rv2671
2 non-polymer 'NADP NICOTINAMIDE-ADENINE-DINUCLEOTIDE PHOSPHATE'
3 water water
#
_entity_poly.entity_id   1
_entity_poly.type   'polypeptide(L)'
_entity_poly.pdbx_seq_one_letter_code
;MPDSGQLGAADTPLRLLSSVHYLTDGELPQLYDYPDDGTWLRANFISSLDGGATVDGTSGAMAGPGDRFVFNLLRELADV
IVVGVGTVRIEGYSGVRMGVVQRQHRQARGQSEVPQLAIVTRSGRLDRDMAVFTRTEMAPLVLTTTAVADDTRQRLAGLA
EVIACSGDDPGTVDEAVLVSQLAARGLRRILTEGGPTLLGTFVERDVLDELCLTIAPYVVGGLARRIVTGPGQVLTRMRC
AHVLTDDSGYLYTRYVKT
;
_entity_poly.pdbx_strand_id   A
#
loop_
_chem_comp.id
_chem_comp.type
_chem_comp.name
_chem_comp.formula
NAP non-polymer 'NADP NICOTINAMIDE-ADENINE-DINUCLEOTIDE PHOSPHATE' 'C21 H28 N7 O17 P3'
#
# COMPACT_ATOMS: atom_id res chain seq x y z
N PRO A 13 30.77 -1.30 16.88
CA PRO A 13 29.75 -1.97 16.06
C PRO A 13 28.37 -1.26 16.10
N LEU A 14 27.90 -1.01 17.32
CA LEU A 14 26.62 -0.38 17.56
C LEU A 14 26.72 1.14 17.54
N ARG A 15 25.69 1.80 17.02
CA ARG A 15 25.63 3.26 17.06
C ARG A 15 24.32 3.69 17.68
N LEU A 16 24.39 4.68 18.56
CA LEU A 16 23.19 5.22 19.16
C LEU A 16 22.51 6.11 18.12
N LEU A 17 21.23 5.86 17.85
CA LEU A 17 20.47 6.76 17.00
C LEU A 17 19.94 7.88 17.88
N SER A 18 19.86 9.08 17.32
CA SER A 18 19.25 10.23 17.99
C SER A 18 18.62 11.09 16.95
N SER A 19 17.68 11.93 17.39
CA SER A 19 17.07 12.95 16.54
C SER A 19 18.09 14.03 16.23
N VAL A 20 18.49 14.10 14.98
CA VAL A 20 19.47 15.07 14.54
C VAL A 20 18.82 16.16 13.70
N HIS A 21 17.60 15.91 13.25
CA HIS A 21 17.00 16.81 12.27
C HIS A 21 15.49 16.86 12.32
N TYR A 22 14.95 18.07 12.45
CA TYR A 22 13.51 18.27 12.37
C TYR A 22 13.06 18.32 10.93
N LEU A 23 12.06 17.51 10.60
CA LEU A 23 11.56 17.48 9.26
C LEU A 23 10.37 18.43 9.17
N THR A 24 10.37 19.23 8.12
CA THR A 24 9.25 20.11 7.84
C THR A 24 8.48 19.52 6.67
N ASP A 25 7.45 20.26 6.24
CA ASP A 25 6.62 19.90 5.10
C ASP A 25 7.37 19.33 3.88
N GLY A 26 8.45 20.01 3.46
CA GLY A 26 9.11 19.71 2.19
C GLY A 26 10.28 18.74 2.14
N GLU A 27 10.93 18.49 3.27
CA GLU A 27 12.02 17.53 3.29
C GLU A 27 11.42 16.14 3.41
N LEU A 28 10.21 16.07 3.95
CA LEU A 28 9.52 14.80 4.11
C LEU A 28 9.32 14.05 2.78
N PRO A 29 8.80 14.71 1.72
CA PRO A 29 8.65 13.98 0.46
C PRO A 29 9.94 13.43 -0.09
N GLN A 30 11.04 14.17 0.07
CA GLN A 30 12.36 13.74 -0.40
C GLN A 30 12.73 12.39 0.21
N LEU A 31 12.45 12.23 1.50
CA LEU A 31 12.73 10.99 2.19
C LEU A 31 11.93 9.84 1.59
N TYR A 32 10.76 10.16 1.03
CA TYR A 32 9.87 9.10 0.56
C TYR A 32 9.67 9.14 -0.94
N ASP A 33 10.55 9.84 -1.64
CA ASP A 33 10.46 9.88 -3.08
C ASP A 33 10.54 8.50 -3.71
N TYR A 34 9.82 8.36 -4.82
CA TYR A 34 9.95 7.20 -5.66
C TYR A 34 11.17 7.43 -6.54
N PRO A 35 11.78 6.35 -7.05
CA PRO A 35 12.82 6.50 -8.08
C PRO A 35 12.26 7.27 -9.26
N ASP A 36 13.12 7.98 -9.98
CA ASP A 36 12.66 8.89 -11.04
C ASP A 36 12.05 8.14 -12.22
N ASP A 37 12.43 6.88 -12.36
CA ASP A 37 11.80 6.00 -13.33
C ASP A 37 11.77 4.55 -12.86
N GLY A 38 11.05 3.70 -13.58
CA GLY A 38 10.92 2.31 -13.21
C GLY A 38 9.69 2.14 -12.34
N THR A 39 9.21 0.92 -12.23
CA THR A 39 8.09 0.66 -11.38
C THR A 39 8.60 0.51 -9.96
N TRP A 40 7.84 1.00 -9.01
CA TRP A 40 8.27 0.89 -7.63
C TRP A 40 7.11 0.47 -6.77
N LEU A 41 7.24 -0.69 -6.16
CA LEU A 41 6.19 -1.16 -5.27
C LEU A 41 6.56 -0.89 -3.80
N ARG A 42 5.83 0.04 -3.21
CA ARG A 42 6.08 0.46 -1.85
C ARG A 42 4.94 -0.01 -0.99
N ALA A 43 5.26 -0.61 0.15
CA ALA A 43 4.21 -0.91 1.12
C ALA A 43 4.32 0.02 2.30
N ASN A 44 3.17 0.40 2.83
CA ASN A 44 3.16 1.20 4.01
C ASN A 44 2.30 0.54 5.06
N PHE A 45 2.90 0.12 6.17
CA PHE A 45 2.14 -0.59 7.19
C PHE A 45 2.48 -0.05 8.54
N ILE A 46 1.68 -0.40 9.52
CA ILE A 46 2.01 -0.06 10.88
C ILE A 46 1.96 -1.36 11.66
N SER A 47 2.84 -1.52 12.64
CA SER A 47 2.65 -2.63 13.55
C SER A 47 3.13 -2.28 14.93
N SER A 48 2.71 -3.11 15.88
CA SER A 48 3.14 -2.97 17.24
C SER A 48 4.57 -3.46 17.34
N LEU A 49 5.18 -3.20 18.49
CA LEU A 49 6.52 -3.66 18.81
C LEU A 49 6.58 -5.15 18.62
N ASP A 50 5.54 -5.82 19.08
CA ASP A 50 5.55 -7.27 19.03
C ASP A 50 4.86 -7.76 17.76
N GLY A 51 4.93 -6.96 16.69
CA GLY A 51 4.56 -7.46 15.37
C GLY A 51 3.07 -7.60 15.08
N GLY A 52 2.22 -7.09 15.96
CA GLY A 52 0.79 -7.08 15.70
C GLY A 52 0.41 -6.02 14.70
N ALA A 53 -0.30 -6.43 13.65
CA ALA A 53 -0.72 -5.55 12.57
C ALA A 53 -2.07 -4.97 12.90
N THR A 54 -2.73 -5.59 13.86
CA THR A 54 -4.08 -5.14 14.15
C THR A 54 -4.28 -4.93 15.64
N VAL A 55 -5.21 -4.03 15.92
CA VAL A 55 -5.76 -3.89 17.25
C VAL A 55 -7.27 -3.85 17.09
N ASP A 56 -7.95 -4.84 17.65
CA ASP A 56 -9.40 -4.94 17.54
C ASP A 56 -9.79 -5.05 16.05
N GLY A 57 -8.90 -5.67 15.26
CA GLY A 57 -9.21 -6.00 13.88
C GLY A 57 -8.81 -4.98 12.84
N THR A 58 -8.43 -3.77 13.27
CA THR A 58 -7.96 -2.73 12.34
C THR A 58 -6.58 -2.19 12.75
N SER A 59 -6.05 -1.26 11.98
CA SER A 59 -4.72 -0.70 12.24
C SER A 59 -4.76 0.71 12.83
N GLY A 60 -5.89 1.41 12.65
CA GLY A 60 -5.99 2.83 12.96
C GLY A 60 -5.73 3.25 14.41
N ALA A 61 -5.93 2.31 15.33
CA ALA A 61 -5.78 2.52 16.77
C ALA A 61 -4.35 2.91 17.14
N MET A 62 -3.41 2.16 16.58
CA MET A 62 -1.98 2.34 16.84
C MET A 62 -1.40 3.60 16.19
N ALA A 63 -2.13 4.20 15.27
CA ALA A 63 -1.61 5.30 14.43
C ALA A 63 -1.00 6.48 15.19
N GLY A 64 0.27 6.77 14.89
CA GLY A 64 1.00 7.87 15.49
C GLY A 64 0.49 9.25 15.13
N PRO A 65 1.10 10.27 15.76
CA PRO A 65 0.89 11.63 15.28
C PRO A 65 1.44 11.66 13.87
N GLY A 66 2.67 11.19 13.75
CA GLY A 66 3.36 11.15 12.49
C GLY A 66 2.67 10.27 11.48
N ASP A 67 1.92 9.27 11.95
CA ASP A 67 1.55 8.18 11.05
C ASP A 67 0.58 8.62 10.00
N ARG A 68 -0.31 9.52 10.37
CA ARG A 68 -1.26 10.04 9.41
C ARG A 68 -0.59 11.06 8.49
N PHE A 69 0.43 11.75 8.98
CA PHE A 69 1.26 12.58 8.11
C PHE A 69 1.86 11.71 7.03
N VAL A 70 2.53 10.65 7.45
CA VAL A 70 3.29 9.81 6.55
C VAL A 70 2.34 9.07 5.62
N PHE A 71 1.28 8.53 6.21
CA PHE A 71 0.28 7.79 5.48
C PHE A 71 -0.24 8.66 4.35
N ASN A 72 -0.58 9.90 4.65
CA ASN A 72 -1.11 10.82 3.64
C ASN A 72 -0.10 11.16 2.57
N LEU A 73 1.12 11.48 3.01
CA LEU A 73 2.21 11.76 2.08
C LEU A 73 2.39 10.63 1.08
N LEU A 74 2.47 9.40 1.57
CA LEU A 74 2.75 8.28 0.69
C LEU A 74 1.62 8.14 -0.33
N ARG A 75 0.41 8.41 0.12
CA ARG A 75 -0.71 8.41 -0.80
C ARG A 75 -0.55 9.50 -1.82
N GLU A 76 -0.12 10.67 -1.36
CA GLU A 76 0.06 11.82 -2.24
C GLU A 76 1.07 11.49 -3.32
N LEU A 77 2.07 10.69 -2.97
CA LEU A 77 3.17 10.39 -3.88
C LEU A 77 2.83 9.29 -4.86
N ALA A 78 1.86 8.46 -4.49
CA ALA A 78 1.60 7.24 -5.27
C ALA A 78 0.81 7.52 -6.55
N ASP A 79 1.10 6.78 -7.61
CA ASP A 79 0.27 6.84 -8.80
C ASP A 79 -0.97 6.02 -8.59
N VAL A 80 -0.79 4.94 -7.84
CA VAL A 80 -1.88 4.04 -7.57
C VAL A 80 -1.69 3.44 -6.18
N ILE A 81 -2.81 3.17 -5.54
CA ILE A 81 -2.80 2.51 -4.24
C ILE A 81 -3.40 1.14 -4.48
N VAL A 82 -2.60 0.11 -4.20
CA VAL A 82 -3.05 -1.24 -4.43
C VAL A 82 -3.46 -1.84 -3.12
N VAL A 83 -4.63 -2.43 -3.10
CA VAL A 83 -5.19 -2.93 -1.87
C VAL A 83 -5.91 -4.24 -2.11
N GLY A 84 -5.81 -5.16 -1.15
CA GLY A 84 -6.55 -6.39 -1.24
C GLY A 84 -8.01 -6.10 -1.00
N VAL A 85 -8.88 -6.90 -1.58
CA VAL A 85 -10.30 -6.68 -1.38
C VAL A 85 -10.70 -6.83 0.09
N GLY A 86 -9.94 -7.62 0.86
CA GLY A 86 -10.16 -7.75 2.29
C GLY A 86 -10.00 -6.45 3.06
N THR A 87 -8.87 -5.78 2.84
CA THR A 87 -8.63 -4.51 3.48
C THR A 87 -9.69 -3.50 3.07
N VAL A 88 -10.09 -3.52 1.80
CA VAL A 88 -11.08 -2.57 1.30
C VAL A 88 -12.32 -2.60 2.18
N ARG A 89 -12.86 -3.81 2.38
CA ARG A 89 -14.05 -4.02 3.20
C ARG A 89 -13.78 -3.71 4.69
N ILE A 90 -12.74 -4.33 5.23
CA ILE A 90 -12.39 -4.17 6.64
C ILE A 90 -12.00 -2.74 7.07
N GLU A 91 -11.06 -2.12 6.35
CA GLU A 91 -10.64 -0.76 6.71
C GLU A 91 -11.63 0.31 6.20
N GLY A 92 -12.68 -0.15 5.51
CA GLY A 92 -13.67 0.75 4.96
C GLY A 92 -13.06 1.67 3.92
N TYR A 93 -12.50 1.07 2.86
CA TYR A 93 -11.92 1.90 1.80
C TYR A 93 -12.96 2.57 0.93
N SER A 94 -12.86 3.89 0.84
CA SER A 94 -13.60 4.64 -0.17
C SER A 94 -12.54 5.30 -1.04
N GLY A 95 -12.94 6.30 -1.80
CA GLY A 95 -12.04 7.00 -2.69
C GLY A 95 -10.90 7.68 -1.97
N VAL A 96 -9.73 7.69 -2.61
CA VAL A 96 -8.58 8.32 -2.04
C VAL A 96 -8.81 9.82 -1.98
N ARG A 97 -9.07 10.34 -0.79
CA ARG A 97 -9.29 11.76 -0.66
C ARG A 97 -7.94 12.46 -0.71
N MET A 98 -7.81 13.39 -1.64
CA MET A 98 -6.66 14.26 -1.69
C MET A 98 -7.18 15.64 -1.35
N GLY A 99 -6.45 16.34 -0.49
CA GLY A 99 -6.82 17.71 -0.17
C GLY A 99 -6.34 18.59 -1.29
N VAL A 100 -6.76 19.84 -1.27
CA VAL A 100 -6.48 20.77 -2.35
C VAL A 100 -4.99 20.95 -2.56
N VAL A 101 -4.25 21.04 -1.46
CA VAL A 101 -2.80 21.17 -1.55
C VAL A 101 -2.17 19.84 -2.05
N GLN A 102 -2.69 18.72 -1.60
CA GLN A 102 -2.24 17.42 -2.13
C GLN A 102 -2.39 17.34 -3.66
N ARG A 103 -3.59 17.67 -4.16
CA ARG A 103 -3.87 17.69 -5.59
C ARG A 103 -2.88 18.56 -6.34
N GLN A 104 -2.65 19.75 -5.79
CA GLN A 104 -1.69 20.70 -6.33
C GLN A 104 -0.31 20.10 -6.52
N HIS A 105 0.23 19.50 -5.45
CA HIS A 105 1.55 18.88 -5.51
C HIS A 105 1.59 17.70 -6.46
N ARG A 106 0.48 16.97 -6.54
CA ARG A 106 0.41 15.86 -7.50
C ARG A 106 0.47 16.42 -8.93
N GLN A 107 -0.38 17.42 -9.23
CA GLN A 107 -0.37 18.04 -10.55
C GLN A 107 1.01 18.61 -10.87
N ALA A 108 1.60 19.30 -9.90
CA ALA A 108 2.96 19.80 -10.00
C ALA A 108 3.98 18.73 -10.40
N ARG A 109 3.73 17.48 -10.00
CA ARG A 109 4.61 16.37 -10.33
C ARG A 109 4.14 15.62 -11.57
N GLY A 110 3.04 16.10 -12.16
CA GLY A 110 2.53 15.53 -13.38
C GLY A 110 1.65 14.30 -13.20
N GLN A 111 1.15 14.10 -11.99
CA GLN A 111 0.28 12.96 -11.72
C GLN A 111 -1.16 13.43 -11.74
N SER A 112 -2.09 12.48 -11.86
CA SER A 112 -3.51 12.77 -11.69
C SER A 112 -3.74 13.42 -10.32
N GLU A 113 -4.85 14.12 -10.17
CA GLU A 113 -5.11 14.83 -8.91
C GLU A 113 -5.32 13.89 -7.74
N VAL A 114 -5.86 12.70 -8.01
CA VAL A 114 -6.10 11.73 -6.97
C VAL A 114 -5.52 10.40 -7.43
N PRO A 115 -4.80 9.69 -6.53
CA PRO A 115 -4.29 8.40 -6.96
C PRO A 115 -5.41 7.45 -7.25
N GLN A 116 -5.17 6.58 -8.20
CA GLN A 116 -6.08 5.50 -8.53
C GLN A 116 -6.05 4.50 -7.39
N LEU A 117 -7.18 3.84 -7.16
CA LEU A 117 -7.21 2.72 -6.26
C LEU A 117 -7.21 1.48 -7.12
N ALA A 118 -6.45 0.47 -6.75
CA ALA A 118 -6.51 -0.79 -7.46
C ALA A 118 -6.78 -1.91 -6.47
N ILE A 119 -7.83 -2.67 -6.72
CA ILE A 119 -8.25 -3.71 -5.80
C ILE A 119 -7.86 -5.06 -6.35
N VAL A 120 -7.13 -5.81 -5.54
CA VAL A 120 -6.67 -7.12 -5.94
C VAL A 120 -7.62 -8.17 -5.44
N THR A 121 -8.01 -9.08 -6.31
CA THR A 121 -8.92 -10.15 -5.92
C THR A 121 -8.65 -11.31 -6.86
N ARG A 122 -8.52 -12.51 -6.31
CA ARG A 122 -8.33 -13.70 -7.15
C ARG A 122 -9.72 -14.16 -7.58
N SER A 123 -10.68 -14.05 -6.66
CA SER A 123 -12.04 -14.53 -6.87
C SER A 123 -12.79 -13.64 -7.84
N GLY A 124 -12.52 -12.33 -7.75
CA GLY A 124 -13.23 -11.38 -8.58
C GLY A 124 -14.61 -11.13 -8.02
N ARG A 125 -14.94 -11.82 -6.93
CA ARG A 125 -16.26 -11.71 -6.31
C ARG A 125 -16.43 -10.38 -5.62
N LEU A 126 -16.34 -9.31 -6.40
CA LEU A 126 -16.57 -7.97 -5.90
C LEU A 126 -18.02 -7.63 -6.17
N ASP A 127 -18.77 -7.30 -5.12
CA ASP A 127 -20.14 -6.87 -5.30
C ASP A 127 -20.11 -5.58 -6.06
N ARG A 128 -21.00 -5.46 -7.03
CA ARG A 128 -21.28 -4.18 -7.66
C ARG A 128 -21.69 -3.19 -6.57
N ASP A 129 -22.36 -3.71 -5.55
CA ASP A 129 -22.87 -2.93 -4.44
C ASP A 129 -21.81 -2.62 -3.39
N MET A 130 -20.56 -2.97 -3.67
CA MET A 130 -19.49 -2.68 -2.72
C MET A 130 -19.30 -1.20 -2.47
N ALA A 131 -18.85 -0.89 -1.26
CA ALA A 131 -18.63 0.47 -0.81
C ALA A 131 -17.55 1.17 -1.61
N VAL A 132 -16.53 0.41 -2.01
CA VAL A 132 -15.34 0.95 -2.66
C VAL A 132 -15.57 1.71 -3.98
N PHE A 133 -16.67 1.41 -4.65
CA PHE A 133 -16.96 2.05 -5.93
C PHE A 133 -17.76 3.33 -5.73
N THR A 134 -18.39 3.42 -4.57
CA THR A 134 -19.38 4.46 -4.27
C THR A 134 -18.82 5.85 -3.97
N ARG A 135 -18.18 6.03 -2.81
CA ARG A 135 -17.69 7.35 -2.45
C ARG A 135 -16.28 7.53 -2.99
N THR A 136 -16.16 7.78 -4.28
CA THR A 136 -14.86 7.96 -4.91
C THR A 136 -14.86 8.93 -6.09
N GLU A 137 -13.79 9.69 -6.21
CA GLU A 137 -13.65 10.64 -7.29
C GLU A 137 -13.28 9.92 -8.58
N MET A 138 -12.79 8.69 -8.46
CA MET A 138 -12.20 7.99 -9.59
C MET A 138 -12.51 6.50 -9.54
N ALA A 139 -12.92 5.94 -10.68
CA ALA A 139 -13.22 4.52 -10.78
C ALA A 139 -11.99 3.65 -10.48
N PRO A 140 -12.14 2.71 -9.54
CA PRO A 140 -11.03 1.83 -9.14
C PRO A 140 -10.60 0.91 -10.26
N LEU A 141 -9.34 0.47 -10.23
CA LEU A 141 -8.95 -0.70 -10.99
C LEU A 141 -9.25 -1.95 -10.16
N VAL A 142 -9.61 -3.01 -10.85
CA VAL A 142 -9.79 -4.29 -10.21
C VAL A 142 -8.79 -5.21 -10.85
N LEU A 143 -7.82 -5.66 -10.04
CA LEU A 143 -6.75 -6.51 -10.53
C LEU A 143 -7.11 -7.93 -10.16
N THR A 144 -7.33 -8.75 -11.18
CA THR A 144 -7.80 -10.09 -10.92
C THR A 144 -7.18 -11.10 -11.87
N THR A 145 -7.77 -12.28 -11.97
CA THR A 145 -7.21 -13.33 -12.82
C THR A 145 -7.84 -13.37 -14.21
N THR A 146 -7.10 -13.88 -15.18
CA THR A 146 -7.62 -14.08 -16.54
C THR A 146 -8.93 -14.86 -16.54
N ALA A 147 -9.01 -15.86 -15.68
CA ALA A 147 -10.19 -16.73 -15.59
C ALA A 147 -11.46 -15.95 -15.33
N VAL A 148 -11.45 -15.10 -14.31
CA VAL A 148 -12.67 -14.42 -13.89
C VAL A 148 -12.77 -12.98 -14.42
N ALA A 149 -11.79 -12.56 -15.19
CA ALA A 149 -11.71 -11.16 -15.59
C ALA A 149 -12.95 -10.73 -16.37
N ASP A 150 -13.31 -11.53 -17.38
CA ASP A 150 -14.42 -11.19 -18.27
C ASP A 150 -15.73 -11.01 -17.49
N ASP A 151 -16.06 -12.01 -16.67
CA ASP A 151 -17.26 -11.93 -15.86
C ASP A 151 -17.19 -10.74 -14.91
N THR A 152 -16.01 -10.53 -14.34
CA THR A 152 -15.83 -9.46 -13.37
C THR A 152 -15.98 -8.14 -14.09
N ARG A 153 -15.38 -8.07 -15.27
CA ARG A 153 -15.47 -6.89 -16.12
C ARG A 153 -16.94 -6.52 -16.43
N GLN A 154 -17.72 -7.51 -16.87
CA GLN A 154 -19.12 -7.27 -17.21
C GLN A 154 -19.89 -6.90 -15.97
N ARG A 155 -19.68 -7.68 -14.91
CA ARG A 155 -20.40 -7.45 -13.67
C ARG A 155 -20.13 -6.04 -13.12
N LEU A 156 -18.92 -5.54 -13.32
CA LEU A 156 -18.56 -4.23 -12.77
C LEU A 156 -18.49 -3.14 -13.84
N ALA A 157 -19.15 -3.36 -14.97
CA ALA A 157 -19.15 -2.39 -16.06
C ALA A 157 -19.63 -1.02 -15.57
N GLY A 158 -18.84 0.01 -15.86
CA GLY A 158 -19.15 1.35 -15.39
C GLY A 158 -18.58 1.70 -14.03
N LEU A 159 -18.24 0.69 -13.23
CA LEU A 159 -17.74 0.92 -11.86
C LEU A 159 -16.23 0.78 -11.73
N ALA A 160 -15.64 -0.07 -12.56
CA ALA A 160 -14.21 -0.33 -12.44
C ALA A 160 -13.62 -0.84 -13.73
N GLU A 161 -12.38 -0.46 -14.00
CA GLU A 161 -11.64 -1.12 -15.08
C GLU A 161 -11.12 -2.42 -14.49
N VAL A 162 -11.44 -3.53 -15.13
CA VAL A 162 -11.00 -4.82 -14.64
C VAL A 162 -9.82 -5.32 -15.46
N ILE A 163 -8.72 -5.64 -14.77
CA ILE A 163 -7.48 -5.98 -15.45
C ILE A 163 -7.01 -7.37 -15.05
N ALA A 164 -6.81 -8.23 -16.04
CA ALA A 164 -6.28 -9.57 -15.79
C ALA A 164 -4.80 -9.50 -15.44
N CYS A 165 -4.40 -10.17 -14.37
CA CYS A 165 -3.02 -10.07 -13.88
C CYS A 165 -2.43 -11.43 -13.68
N SER A 166 -2.91 -12.39 -14.47
CA SER A 166 -2.36 -13.73 -14.45
C SER A 166 -1.04 -13.79 -15.19
N GLY A 167 -0.16 -14.72 -14.80
CA GLY A 167 1.11 -14.86 -15.48
C GLY A 167 1.10 -16.10 -16.35
N ASP A 168 0.97 -17.25 -15.70
CA ASP A 168 0.86 -18.51 -16.41
C ASP A 168 -0.47 -19.14 -16.01
N ASP A 169 -0.65 -19.36 -14.72
CA ASP A 169 -1.92 -19.84 -14.19
C ASP A 169 -3.02 -18.76 -14.34
N PRO A 170 -4.08 -19.08 -15.11
CA PRO A 170 -5.13 -18.08 -15.32
C PRO A 170 -6.05 -18.00 -14.11
N GLY A 171 -5.86 -18.88 -13.14
CA GLY A 171 -6.72 -18.92 -11.97
C GLY A 171 -6.16 -18.19 -10.76
N THR A 172 -4.96 -17.63 -10.91
CA THR A 172 -4.33 -16.85 -9.85
C THR A 172 -3.74 -15.58 -10.42
N VAL A 173 -3.37 -14.69 -9.52
CA VAL A 173 -2.71 -13.46 -9.89
C VAL A 173 -1.21 -13.70 -9.79
N ASP A 174 -0.49 -13.23 -10.78
CA ASP A 174 0.96 -13.21 -10.72
C ASP A 174 1.31 -11.80 -10.31
N GLU A 175 2.02 -11.66 -9.20
CA GLU A 175 2.23 -10.34 -8.63
C GLU A 175 3.14 -9.45 -9.49
N ALA A 176 4.13 -10.06 -10.14
CA ALA A 176 4.98 -9.30 -11.08
C ALA A 176 4.16 -8.84 -12.26
N VAL A 177 3.24 -9.68 -12.72
CA VAL A 177 2.34 -9.26 -13.78
C VAL A 177 1.49 -8.09 -13.32
N LEU A 178 0.90 -8.24 -12.14
CA LEU A 178 0.12 -7.16 -11.50
C LEU A 178 0.90 -5.85 -11.52
N VAL A 179 2.13 -5.88 -11.03
CA VAL A 179 2.98 -4.70 -11.08
C VAL A 179 3.15 -4.18 -12.50
N SER A 180 3.40 -5.06 -13.45
CA SER A 180 3.62 -4.58 -14.83
C SER A 180 2.34 -4.03 -15.45
N GLN A 181 1.20 -4.64 -15.12
CA GLN A 181 -0.06 -4.12 -15.61
C GLN A 181 -0.29 -2.69 -15.15
N LEU A 182 0.12 -2.39 -13.92
CA LEU A 182 -0.04 -1.04 -13.41
C LEU A 182 0.95 -0.11 -14.10
N ALA A 183 2.19 -0.58 -14.22
CA ALA A 183 3.20 0.15 -14.96
C ALA A 183 2.70 0.44 -16.38
N ALA A 184 2.22 -0.61 -17.04
CA ALA A 184 1.62 -0.51 -18.37
C ALA A 184 0.65 0.68 -18.53
N ARG A 185 0.07 1.11 -17.43
CA ARG A 185 -0.93 2.17 -17.48
C ARG A 185 -0.36 3.43 -16.88
N GLY A 186 0.96 3.46 -16.74
CA GLY A 186 1.61 4.67 -16.27
C GLY A 186 1.57 4.80 -14.75
N LEU A 187 1.08 3.77 -14.09
CA LEU A 187 0.97 3.76 -12.64
C LEU A 187 2.16 3.03 -12.07
N ARG A 188 3.35 3.59 -12.20
CA ARG A 188 4.55 2.87 -11.84
C ARG A 188 4.95 3.15 -10.39
N ARG A 189 4.45 4.25 -9.84
CA ARG A 189 4.68 4.56 -8.43
C ARG A 189 3.56 3.95 -7.61
N ILE A 190 3.80 2.72 -7.18
CA ILE A 190 2.77 1.92 -6.54
C ILE A 190 2.91 1.92 -5.02
N LEU A 191 1.81 2.22 -4.36
CA LEU A 191 1.72 2.09 -2.92
C LEU A 191 0.71 1.01 -2.58
N THR A 192 1.08 0.08 -1.70
CA THR A 192 0.08 -0.81 -1.15
C THR A 192 0.00 -0.58 0.34
N GLU A 193 -1.22 -0.56 0.86
CA GLU A 193 -1.43 -0.37 2.28
C GLU A 193 -2.09 -1.61 2.89
N GLY A 194 -2.06 -2.70 2.15
CA GLY A 194 -2.66 -3.90 2.69
C GLY A 194 -3.54 -4.66 1.73
N GLY A 195 -4.06 -5.78 2.21
CA GLY A 195 -3.76 -6.23 3.55
C GLY A 195 -2.60 -7.20 3.65
N PRO A 196 -2.47 -7.85 4.82
CA PRO A 196 -1.42 -8.83 5.08
C PRO A 196 -1.39 -9.93 4.04
N THR A 197 -2.56 -10.40 3.60
CA THR A 197 -2.55 -11.44 2.58
C THR A 197 -1.88 -10.90 1.32
N LEU A 198 -2.33 -9.73 0.88
CA LEU A 198 -1.76 -9.10 -0.31
C LEU A 198 -0.28 -8.85 -0.11
N LEU A 199 0.06 -8.23 1.00
CA LEU A 199 1.45 -7.92 1.27
C LEU A 199 2.25 -9.22 1.31
N GLY A 200 1.64 -10.24 1.93
CA GLY A 200 2.28 -11.54 1.99
C GLY A 200 2.63 -12.06 0.61
N THR A 201 1.73 -11.90 -0.35
CA THR A 201 1.99 -12.33 -1.72
C THR A 201 3.03 -11.46 -2.42
N PHE A 202 3.07 -10.16 -2.12
CA PHE A 202 4.10 -9.31 -2.70
C PHE A 202 5.46 -9.76 -2.17
N VAL A 203 5.50 -10.05 -0.89
CA VAL A 203 6.72 -10.51 -0.24
C VAL A 203 7.12 -11.89 -0.80
N GLU A 204 6.18 -12.83 -0.87
CA GLU A 204 6.43 -14.18 -1.43
C GLU A 204 7.02 -14.11 -2.81
N ARG A 205 6.46 -13.22 -3.63
CA ARG A 205 6.79 -13.14 -5.03
C ARG A 205 8.02 -12.24 -5.26
N ASP A 206 8.59 -11.76 -4.16
CA ASP A 206 9.73 -10.85 -4.21
C ASP A 206 9.53 -9.64 -5.13
N VAL A 207 8.33 -9.04 -5.10
CA VAL A 207 8.09 -7.83 -5.90
C VAL A 207 7.98 -6.57 -5.04
N LEU A 208 8.04 -6.73 -3.73
CA LEU A 208 8.02 -5.58 -2.83
C LEU A 208 9.36 -4.87 -2.88
N ASP A 209 9.40 -3.65 -3.39
CA ASP A 209 10.65 -2.89 -3.43
C ASP A 209 11.00 -2.19 -2.12
N GLU A 210 9.97 -1.80 -1.39
CA GLU A 210 10.17 -0.94 -0.25
C GLU A 210 9.08 -1.17 0.77
N LEU A 211 9.47 -1.21 2.03
CA LEU A 211 8.51 -1.31 3.11
C LEU A 211 8.70 -0.09 3.96
N CYS A 212 7.66 0.73 4.03
CA CYS A 212 7.61 1.79 5.00
C CYS A 212 6.78 1.27 6.13
N LEU A 213 7.40 1.17 7.29
CA LEU A 213 6.76 0.48 8.37
C LEU A 213 6.75 1.44 9.51
N THR A 214 5.57 1.71 10.04
CA THR A 214 5.50 2.42 11.30
C THR A 214 5.52 1.39 12.39
N ILE A 215 6.42 1.60 13.33
CA ILE A 215 6.47 0.74 14.50
C ILE A 215 5.88 1.54 15.61
N ALA A 216 4.69 1.14 16.03
CA ALA A 216 4.00 1.81 17.10
C ALA A 216 4.49 1.30 18.43
N PRO A 217 4.66 2.21 19.40
CA PRO A 217 5.28 1.83 20.67
C PRO A 217 4.31 1.16 21.63
N TYR A 218 3.73 0.05 21.17
CA TYR A 218 2.78 -0.74 21.94
C TYR A 218 3.15 -2.19 21.79
N VAL A 219 2.91 -2.97 22.82
CA VAL A 219 2.77 -4.40 22.62
C VAL A 219 1.28 -4.67 22.67
N VAL A 220 0.82 -5.60 21.85
CA VAL A 220 -0.60 -5.88 21.78
C VAL A 220 -0.93 -7.31 22.14
N GLY A 221 0.09 -8.12 22.42
CA GLY A 221 -0.17 -9.52 22.75
C GLY A 221 -0.35 -10.42 21.55
N GLY A 222 -0.62 -11.71 21.80
CA GLY A 222 -0.54 -12.74 20.78
C GLY A 222 -1.67 -12.82 19.77
N LEU A 223 -2.83 -12.26 20.10
CA LEU A 223 -3.99 -12.39 19.23
C LEU A 223 -3.75 -11.83 17.82
N ALA A 224 -3.17 -10.64 17.73
CA ALA A 224 -3.02 -10.01 16.42
C ALA A 224 -2.21 -10.86 15.44
N ARG A 225 -2.56 -10.75 14.17
CA ARG A 225 -1.77 -11.31 13.08
C ARG A 225 -0.70 -10.30 12.69
N ARG A 226 0.24 -10.74 11.87
CA ARG A 226 1.34 -9.88 11.42
C ARG A 226 0.89 -9.06 10.24
N ILE A 227 1.74 -8.14 9.81
CA ILE A 227 1.40 -7.29 8.67
C ILE A 227 1.46 -8.11 7.40
N VAL A 228 2.02 -9.30 7.47
CA VAL A 228 1.95 -10.27 6.37
C VAL A 228 1.40 -11.56 6.91
N THR A 229 0.50 -12.18 6.16
CA THR A 229 -0.01 -13.48 6.54
C THR A 229 0.08 -14.33 5.29
N GLY A 230 -0.21 -15.61 5.45
CA GLY A 230 -0.13 -16.51 4.32
C GLY A 230 1.00 -17.50 4.48
N PRO A 231 1.16 -18.39 3.49
CA PRO A 231 2.04 -19.54 3.58
C PRO A 231 3.48 -19.16 3.26
N GLY A 232 3.66 -17.98 2.69
CA GLY A 232 4.99 -17.56 2.27
C GLY A 232 6.03 -17.59 3.36
N GLN A 233 7.21 -18.05 2.99
CA GLN A 233 8.37 -17.92 3.84
C GLN A 233 9.51 -17.51 2.93
N VAL A 234 10.09 -16.34 3.19
CA VAL A 234 11.27 -15.90 2.46
C VAL A 234 12.28 -15.35 3.43
N LEU A 235 13.40 -14.87 2.91
CA LEU A 235 14.35 -14.17 3.74
C LEU A 235 14.93 -13.12 2.85
N THR A 236 14.17 -12.04 2.69
CA THR A 236 14.54 -10.95 1.81
C THR A 236 15.19 -9.87 2.65
N ARG A 237 16.46 -9.64 2.39
CA ARG A 237 17.23 -8.59 3.06
C ARG A 237 16.77 -7.23 2.55
N MET A 238 16.62 -6.28 3.47
CA MET A 238 16.33 -4.92 3.05
C MET A 238 17.31 -3.97 3.69
N ARG A 239 17.47 -2.82 3.07
CA ARG A 239 18.39 -1.80 3.52
C ARG A 239 17.55 -0.77 4.25
N CYS A 240 18.00 -0.37 5.43
CA CYS A 240 17.30 0.68 6.16
C CYS A 240 17.66 2.01 5.55
N ALA A 241 16.72 2.62 4.82
CA ALA A 241 16.95 3.93 4.21
C ALA A 241 16.82 5.05 5.23
N HIS A 242 15.82 4.96 6.11
CA HIS A 242 15.74 5.93 7.18
C HIS A 242 14.86 5.45 8.31
N VAL A 243 15.08 6.03 9.47
CA VAL A 243 14.18 5.90 10.58
C VAL A 243 13.86 7.31 11.04
N LEU A 244 12.58 7.61 11.08
CA LEU A 244 12.12 8.88 11.61
C LEU A 244 11.49 8.56 12.94
N THR A 245 11.40 9.55 13.81
CA THR A 245 10.67 9.33 15.03
C THR A 245 9.85 10.58 15.34
N ASP A 246 9.04 10.49 16.38
CA ASP A 246 8.30 11.63 16.89
C ASP A 246 8.47 11.59 18.40
N ASP A 247 7.77 12.46 19.11
CA ASP A 247 7.91 12.52 20.56
C ASP A 247 7.19 11.35 21.21
N SER A 248 6.31 10.71 20.46
CA SER A 248 5.48 9.66 21.02
C SER A 248 6.16 8.32 20.96
N GLY A 249 7.39 8.30 20.48
CA GLY A 249 8.18 7.09 20.48
C GLY A 249 7.90 6.17 19.31
N TYR A 250 7.16 6.67 18.32
CA TYR A 250 6.96 5.92 17.09
C TYR A 250 8.21 5.94 16.24
N LEU A 251 8.39 4.88 15.47
CA LEU A 251 9.45 4.82 14.49
C LEU A 251 8.77 4.72 13.14
N TYR A 252 9.15 5.61 12.25
CA TYR A 252 8.63 5.55 10.89
C TYR A 252 9.82 5.19 10.06
N THR A 253 9.82 3.93 9.64
CA THR A 253 10.99 3.39 9.01
C THR A 253 10.70 3.23 7.54
N ARG A 254 11.77 3.20 6.78
CA ARG A 254 11.65 3.00 5.38
C ARG A 254 12.78 2.08 5.01
N TYR A 255 12.41 0.91 4.50
CA TYR A 255 13.40 -0.08 4.13
C TYR A 255 13.22 -0.37 2.68
N VAL A 256 14.31 -0.52 1.97
CA VAL A 256 14.23 -0.84 0.56
C VAL A 256 15.00 -2.12 0.30
N LYS A 257 14.50 -2.90 -0.63
CA LYS A 257 15.04 -4.21 -0.90
C LYS A 257 16.47 -4.09 -1.35
N THR A 258 17.28 -5.02 -0.85
CA THR A 258 18.67 -5.19 -1.21
C THR A 258 18.82 -5.65 -2.66
PA NAP B . -6.29 -8.39 2.15
O1A NAP B . -4.94 -8.91 1.77
O2A NAP B . -6.46 -6.96 1.69
O5B NAP B . -7.44 -9.21 1.55
C5B NAP B . -7.34 -10.51 1.15
C4B NAP B . -8.11 -10.78 -0.11
O4B NAP B . -7.70 -9.83 -1.15
C3B NAP B . -7.94 -12.13 -0.69
O3B NAP B . -8.84 -13.06 -0.25
C2B NAP B . -8.08 -11.90 -2.12
O2B NAP B . -9.37 -11.62 -2.51
C1B NAP B . -7.33 -10.60 -2.24
N9A NAP B . -5.89 -10.79 -2.40
C8A NAP B . -4.88 -10.48 -1.56
N7A NAP B . -3.75 -10.82 -2.18
C5A NAP B . -4.03 -11.33 -3.38
C6A NAP B . -3.30 -11.83 -4.44
N6A NAP B . -1.86 -11.88 -4.34
N1A NAP B . -3.92 -12.28 -5.54
C2A NAP B . -5.26 -12.25 -5.66
N3A NAP B . -6.00 -11.77 -4.66
C4A NAP B . -5.40 -11.31 -3.53
O3 NAP B . -6.47 -8.37 3.70
PN NAP B . -6.48 -9.59 4.66
O1N NAP B . -5.29 -10.47 4.46
O2N NAP B . -7.78 -10.32 4.45
O5D NAP B . -6.36 -8.96 6.08
C5D NAP B . -7.12 -7.84 6.48
C4D NAP B . -6.71 -7.35 7.87
O4D NAP B . -5.42 -6.84 7.94
C3D NAP B . -7.64 -6.27 8.43
O3D NAP B . -7.77 -6.59 9.72
C2D NAP B . -6.90 -5.03 8.26
O2D NAP B . -7.25 -4.05 9.19
C1D NAP B . -5.48 -5.43 8.46
N1N NAP B . -4.50 -4.44 7.93
C2N NAP B . -3.49 -4.00 8.72
C3N NAP B . -2.59 -3.06 8.24
C7N NAP B . -1.47 -2.55 9.09
O7N NAP B . -0.65 -1.77 8.61
N7N NAP B . -1.36 -2.93 10.51
C4N NAP B . -2.75 -2.58 6.94
C5N NAP B . -3.79 -3.04 6.14
C6N NAP B . -4.66 -3.97 6.67
P2B NAP B . -10.36 -12.70 -3.02
O1X NAP B . -9.67 -13.58 -4.02
O2X NAP B . -11.55 -11.97 -3.62
O3X NAP B . -10.78 -13.52 -1.83
#